data_4LGT
#
_entry.id   4LGT
#
_cell.length_a   80.940
_cell.length_b   42.200
_cell.length_c   169.430
_cell.angle_alpha   90.00
_cell.angle_beta   102.61
_cell.angle_gamma   90.00
#
_symmetry.space_group_name_H-M   'C 1 2 1'
#
loop_
_entity.id
_entity.type
_entity.pdbx_description
1 polymer 'Ribosomal large subunit pseudouridine synthase B'
2 polymer 'stem-loop of 23S rRNA'
3 water water
#
loop_
_entity_poly.entity_id
_entity_poly.type
_entity_poly.pdbx_seq_one_letter_code
_entity_poly.pdbx_strand_id
1 'polypeptide(L)'
;GPGSMSEKLQKVLARAGHGSRREIESIIEAGRVSVDGKIAKLGDRVEVTPGLKIRIDGHLISVRESAEQICRVLAYYKPE
GELCTRNDPEGRPTVFDRLPKLRGARWIAVGRLDVNT(OCS)GLLLFTTDGELANRLMHPSREVEREYAVRVFGQVDDAK
LRDLSRGVQLEDGPAAFKTIKFSGGEGINQWYNVTLTEGRNREVRRLWEAVGVQVSRLIRVRYGDIPLPKGLPRGGWTEL
DLAQTNYLRELVELPPETS
;
A,D
2 'polyribonucleotide' AGAACGUCGUGAGACAGU(FHU)CG E,F
#
loop_
_chem_comp.id
_chem_comp.type
_chem_comp.name
_chem_comp.formula
A RNA linking ADENOSINE-5'-MONOPHOSPHATE 'C10 H14 N5 O7 P'
C RNA linking CYTIDINE-5'-MONOPHOSPHATE 'C9 H14 N3 O8 P'
FHU RNA linking (5S,6R)-5-FLUORO-6-HYDROXY-PSEUDOURIDINE-5'-MONOPHOSPHATE 'C9 H14 F N2 O10 P'
G RNA linking GUANOSINE-5'-MONOPHOSPHATE 'C10 H14 N5 O8 P'
U RNA linking URIDINE-5'-MONOPHOSPHATE 'C9 H13 N2 O9 P'
#
# COMPACT_ATOMS: atom_id res chain seq x y z
N MET A 5 27.91 -18.40 13.69
CA MET A 5 27.74 -16.92 13.80
C MET A 5 28.95 -16.27 13.18
N SER A 6 28.93 -16.12 11.86
CA SER A 6 30.09 -15.71 11.11
C SER A 6 29.58 -15.11 9.82
N GLU A 7 30.47 -14.45 9.12
CA GLU A 7 30.16 -13.76 7.88
C GLU A 7 31.25 -14.00 6.87
N LYS A 8 30.86 -14.04 5.59
CA LYS A 8 31.84 -14.09 4.52
C LYS A 8 32.82 -12.92 4.67
N LEU A 9 34.11 -13.20 4.47
CA LEU A 9 35.16 -12.21 4.59
C LEU A 9 34.91 -10.96 3.76
N GLN A 10 34.40 -11.14 2.54
CA GLN A 10 34.20 -10.01 1.66
C GLN A 10 33.08 -9.10 2.14
N LYS A 11 32.09 -9.67 2.82
CA LYS A 11 31.04 -8.85 3.43
C LYS A 11 31.61 -7.91 4.48
N VAL A 12 32.42 -8.48 5.35
CA VAL A 12 33.04 -7.71 6.44
C VAL A 12 33.94 -6.59 5.94
N LEU A 13 34.76 -6.91 4.94
CA LEU A 13 35.72 -5.92 4.43
C LEU A 13 35.04 -4.86 3.60
N ALA A 14 33.92 -5.21 2.95
CA ALA A 14 33.19 -4.20 2.17
C ALA A 14 32.53 -3.22 3.15
N ARG A 15 31.99 -3.74 4.23
CA ARG A 15 31.39 -2.92 5.27
C ARG A 15 32.37 -1.91 5.87
N ALA A 16 33.65 -2.31 5.93
CA ALA A 16 34.73 -1.51 6.47
C ALA A 16 35.25 -0.46 5.50
N GLY A 17 34.68 -0.42 4.31
CA GLY A 17 35.05 0.56 3.32
C GLY A 17 36.23 0.23 2.42
N HIS A 18 36.53 -1.04 2.22
CA HIS A 18 37.66 -1.48 1.42
C HIS A 18 37.33 -2.08 0.09
N GLY A 19 36.17 -1.73 -0.44
CA GLY A 19 35.80 -2.14 -1.78
C GLY A 19 34.43 -2.79 -1.80
N SER A 20 33.94 -3.16 -2.96
CA SER A 20 32.69 -3.92 -3.03
C SER A 20 32.97 -5.37 -2.65
N ARG A 21 31.92 -6.12 -2.37
CA ARG A 21 32.07 -7.53 -2.05
C ARG A 21 32.82 -8.27 -3.11
N ARG A 22 32.38 -8.12 -4.34
CA ARG A 22 32.97 -8.88 -5.42
C ARG A 22 34.36 -8.40 -5.77
N GLU A 23 34.60 -7.11 -5.66
CA GLU A 23 35.97 -6.61 -5.79
C GLU A 23 36.87 -7.26 -4.74
N ILE A 24 36.39 -7.36 -3.50
CA ILE A 24 37.19 -7.93 -2.45
C ILE A 24 37.42 -9.41 -2.69
N GLU A 25 36.43 -10.10 -3.26
CA GLU A 25 36.62 -11.49 -3.60
C GLU A 25 37.82 -11.62 -4.52
N SER A 26 37.99 -10.69 -5.47
CA SER A 26 39.16 -10.80 -6.33
C SER A 26 40.48 -10.72 -5.57
N ILE A 27 40.51 -9.88 -4.54
CA ILE A 27 41.70 -9.67 -3.75
C ILE A 27 41.96 -10.92 -2.88
N ILE A 28 40.90 -11.51 -2.34
CA ILE A 28 41.02 -12.76 -1.62
C ILE A 28 41.55 -13.86 -2.54
N GLU A 29 41.00 -13.94 -3.75
CA GLU A 29 41.38 -15.00 -4.69
C GLU A 29 42.84 -14.89 -5.04
N ALA A 30 43.40 -13.69 -4.97
CA ALA A 30 44.81 -13.43 -5.28
C ALA A 30 45.75 -13.64 -4.10
N GLY A 31 45.22 -14.18 -3.01
CA GLY A 31 46.05 -14.51 -1.86
C GLY A 31 46.55 -13.32 -1.07
N ARG A 32 45.85 -12.20 -1.18
CA ARG A 32 46.27 -10.97 -0.52
C ARG A 32 45.66 -10.69 0.83
N VAL A 33 44.75 -11.53 1.27
CA VAL A 33 44.01 -11.25 2.48
C VAL A 33 44.31 -12.34 3.49
N SER A 34 44.62 -11.95 4.72
CA SER A 34 44.86 -12.93 5.77
C SER A 34 43.98 -12.69 6.98
N VAL A 35 43.78 -13.76 7.75
CA VAL A 35 43.07 -13.70 9.01
C VAL A 35 43.96 -14.34 10.04
N ASP A 36 44.28 -13.62 11.09
CA ASP A 36 45.18 -14.12 12.14
CA ASP A 36 45.18 -14.15 12.13
C ASP A 36 46.47 -14.68 11.53
N GLY A 37 46.96 -14.01 10.49
CA GLY A 37 48.25 -14.31 9.91
C GLY A 37 48.25 -15.44 8.91
N LYS A 38 47.08 -15.98 8.61
CA LYS A 38 46.95 -17.07 7.67
C LYS A 38 46.16 -16.60 6.44
N ILE A 39 46.68 -16.88 5.28
CA ILE A 39 46.04 -16.47 4.03
C ILE A 39 44.66 -17.10 3.93
N ALA A 40 43.66 -16.27 3.71
CA ALA A 40 42.28 -16.68 3.55
C ALA A 40 42.05 -17.13 2.12
N LYS A 41 41.07 -18.00 1.95
CA LYS A 41 40.65 -18.43 0.63
C LYS A 41 39.23 -17.98 0.36
N LEU A 42 38.87 -17.95 -0.92
CA LEU A 42 37.54 -17.53 -1.31
C LEU A 42 36.52 -18.43 -0.64
N GLY A 43 35.52 -17.81 0.00
CA GLY A 43 34.51 -18.55 0.73
C GLY A 43 34.70 -18.52 2.24
N ASP A 44 35.90 -18.22 2.71
CA ASP A 44 36.11 -18.16 4.14
C ASP A 44 35.20 -17.17 4.84
N ARG A 45 34.84 -17.53 6.05
CA ARG A 45 34.00 -16.72 6.91
C ARG A 45 34.79 -16.38 8.15
N VAL A 46 34.42 -15.26 8.78
CA VAL A 46 35.01 -14.84 10.04
C VAL A 46 33.94 -14.33 10.97
N GLU A 47 34.28 -14.35 12.24
CA GLU A 47 33.44 -13.79 13.29
C GLU A 47 34.15 -12.61 13.88
N VAL A 48 33.64 -11.42 13.59
CA VAL A 48 34.29 -10.22 14.06
C VAL A 48 34.24 -10.13 15.57
N THR A 49 35.44 -10.05 16.16
CA THR A 49 35.64 -9.87 17.59
C THR A 49 36.77 -8.85 17.77
N PRO A 50 36.92 -8.30 18.98
CA PRO A 50 37.89 -7.20 19.12
C PRO A 50 39.35 -7.50 18.72
N GLY A 51 39.79 -8.74 18.92
CA GLY A 51 41.18 -9.09 18.65
C GLY A 51 41.44 -9.72 17.29
N LEU A 52 40.40 -9.89 16.49
CA LEU A 52 40.52 -10.50 15.18
C LEU A 52 41.43 -9.62 14.30
N LYS A 53 42.43 -10.21 13.66
CA LYS A 53 43.34 -9.46 12.82
C LYS A 53 43.17 -9.84 11.36
N ILE A 54 42.47 -9.01 10.60
CA ILE A 54 42.33 -9.17 9.17
C ILE A 54 43.28 -8.18 8.49
N ARG A 55 44.07 -8.68 7.53
CA ARG A 55 45.04 -7.86 6.84
C ARG A 55 44.86 -8.00 5.33
N ILE A 56 45.09 -6.90 4.63
CA ILE A 56 45.13 -6.91 3.18
C ILE A 56 46.54 -6.42 2.84
N ASP A 57 47.28 -7.23 2.09
CA ASP A 57 48.67 -6.92 1.76
C ASP A 57 49.48 -6.60 3.01
N GLY A 58 49.19 -7.33 4.07
CA GLY A 58 49.88 -7.14 5.33
C GLY A 58 49.42 -5.99 6.21
N HIS A 59 48.52 -5.18 5.69
CA HIS A 59 48.07 -4.02 6.42
C HIS A 59 46.81 -4.34 7.19
N LEU A 60 46.82 -4.03 8.49
CA LEU A 60 45.67 -4.26 9.34
C LEU A 60 44.46 -3.44 8.94
N ILE A 61 43.29 -4.07 8.96
CA ILE A 61 42.02 -3.43 8.62
C ILE A 61 41.12 -3.40 9.85
N SER A 62 40.70 -2.21 10.25
CA SER A 62 39.77 -2.06 11.34
C SER A 62 38.37 -2.46 10.90
N VAL A 63 37.76 -3.41 11.60
CA VAL A 63 36.44 -3.88 11.24
C VAL A 63 35.45 -3.82 12.41
N ARG A 64 34.16 -4.02 12.11
CA ARG A 64 33.10 -3.91 13.10
C ARG A 64 32.10 -5.05 12.94
N GLU A 65 31.40 -5.37 14.03
CA GLU A 65 30.26 -6.28 13.98
C GLU A 65 29.15 -5.71 13.13
N SER A 66 28.45 -6.60 12.44
CA SER A 66 27.39 -6.25 11.52
C SER A 66 26.26 -5.51 12.23
N ALA A 67 25.84 -6.00 13.38
CA ALA A 67 24.71 -5.39 14.04
C ALA A 67 25.08 -4.04 14.67
N GLU A 68 26.37 -3.82 14.89
CA GLU A 68 26.88 -2.60 15.51
C GLU A 68 27.44 -1.64 14.46
N GLN A 69 27.22 -1.91 13.19
CA GLN A 69 27.84 -1.09 12.17
C GLN A 69 27.18 0.29 12.10
N ILE A 70 27.96 1.24 11.65
CA ILE A 70 27.51 2.59 11.34
C ILE A 70 26.32 2.54 10.40
N CYS A 71 25.22 3.21 10.76
CA CYS A 71 24.03 3.24 9.92
C CYS A 71 23.60 4.67 9.70
N ARG A 72 24.22 5.25 8.69
CA ARG A 72 23.90 6.57 8.23
C ARG A 72 23.07 6.45 6.97
N VAL A 73 22.19 7.42 6.74
CA VAL A 73 21.39 7.44 5.53
C VAL A 73 21.41 8.85 4.95
N LEU A 74 21.61 8.94 3.64
CA LEU A 74 21.47 10.18 2.89
C LEU A 74 20.27 10.12 1.98
N ALA A 75 19.60 11.26 1.86
CA ALA A 75 18.64 11.46 0.78
C ALA A 75 19.31 12.29 -0.29
N TYR A 76 19.26 11.78 -1.51
CA TYR A 76 19.88 12.45 -2.64
C TYR A 76 18.82 12.72 -3.70
N TYR A 77 18.79 13.96 -4.19
CA TYR A 77 17.93 14.31 -5.33
C TYR A 77 18.75 14.02 -6.59
N LYS A 78 18.68 12.77 -7.04
CA LYS A 78 19.48 12.37 -8.18
CA LYS A 78 19.49 12.36 -8.19
C LYS A 78 19.08 13.14 -9.42
N PRO A 79 20.05 13.78 -10.08
CA PRO A 79 19.82 14.54 -11.30
C PRO A 79 19.97 13.65 -12.54
N GLU A 80 19.33 14.08 -13.62
CA GLU A 80 19.61 13.47 -14.90
C GLU A 80 21.11 13.55 -15.18
N GLY A 81 21.66 12.57 -15.88
CA GLY A 81 23.04 12.61 -16.33
C GLY A 81 24.05 11.86 -15.46
N GLU A 82 23.62 11.32 -14.33
CA GLU A 82 24.49 10.49 -13.47
C GLU A 82 24.00 9.04 -13.48
N LEU A 83 24.96 8.12 -13.53
CA LEU A 83 24.73 6.69 -13.45
C LEU A 83 24.78 6.19 -12.01
N CYS A 84 23.95 5.20 -11.70
CA CYS A 84 23.99 4.53 -10.42
CA CYS A 84 24.02 4.55 -10.41
C CYS A 84 24.97 3.37 -10.52
N THR A 85 26.25 3.70 -10.58
CA THR A 85 27.31 2.70 -10.58
C THR A 85 28.54 3.27 -9.89
N ARG A 86 29.32 2.40 -9.24
CA ARG A 86 30.61 2.78 -8.67
C ARG A 86 31.74 2.66 -9.66
N ASN A 87 31.52 2.06 -10.80
CA ASN A 87 32.60 1.93 -11.76
C ASN A 87 32.01 1.80 -13.12
N ASP A 88 31.99 2.93 -13.82
CA ASP A 88 31.47 2.97 -15.16
C ASP A 88 32.61 2.72 -16.11
N PRO A 89 32.49 1.68 -16.97
CA PRO A 89 33.59 1.41 -17.90
C PRO A 89 33.93 2.62 -18.75
N GLU A 90 32.94 3.43 -19.10
CA GLU A 90 33.16 4.61 -19.93
C GLU A 90 33.56 5.86 -19.15
N GLY A 91 33.56 5.80 -17.82
CA GLY A 91 34.01 6.93 -17.03
C GLY A 91 33.02 8.09 -16.98
N ARG A 92 31.73 7.80 -17.15
CA ARG A 92 30.73 8.87 -17.17
C ARG A 92 30.36 9.22 -15.74
N PRO A 93 29.70 10.36 -15.53
CA PRO A 93 29.39 10.79 -14.17
C PRO A 93 28.54 9.79 -13.42
N THR A 94 28.79 9.69 -12.11
CA THR A 94 28.02 8.78 -11.26
C THR A 94 27.39 9.52 -10.08
N VAL A 95 26.37 8.88 -9.48
CA VAL A 95 25.68 9.42 -8.34
C VAL A 95 26.58 9.51 -7.10
N PHE A 96 27.74 8.85 -7.14
CA PHE A 96 28.66 8.88 -6.00
C PHE A 96 29.61 10.06 -6.01
N ASP A 97 29.63 10.80 -7.12
CA ASP A 97 30.70 11.75 -7.39
C ASP A 97 30.82 12.85 -6.33
N ARG A 98 29.70 13.31 -5.77
CA ARG A 98 29.76 14.45 -4.83
C ARG A 98 29.34 14.07 -3.42
N LEU A 99 29.14 12.78 -3.17
CA LEU A 99 28.71 12.38 -1.84
C LEU A 99 29.85 12.64 -0.86
N PRO A 100 29.50 12.86 0.41
CA PRO A 100 30.55 13.16 1.37
C PRO A 100 31.50 11.97 1.53
N LYS A 101 32.78 12.28 1.68
CA LYS A 101 33.79 11.26 1.92
C LYS A 101 33.59 10.57 3.24
N LEU A 102 33.75 9.25 3.21
CA LEU A 102 33.60 8.40 4.40
C LEU A 102 34.84 7.55 4.52
N ARG A 103 35.24 7.33 5.76
CA ARG A 103 36.26 6.35 6.05
C ARG A 103 35.68 5.32 7.01
N GLY A 104 36.08 4.06 6.86
CA GLY A 104 35.59 3.03 7.77
C GLY A 104 34.19 2.54 7.45
N ALA A 105 33.68 2.97 6.29
CA ALA A 105 32.33 2.69 5.83
C ALA A 105 32.24 3.19 4.40
N ARG A 106 31.12 2.87 3.74
CA ARG A 106 30.86 3.40 2.40
C ARG A 106 29.38 3.61 2.18
N TRP A 107 29.06 4.50 1.25
CA TRP A 107 27.69 4.68 0.83
C TRP A 107 27.29 3.58 -0.14
N ILE A 108 26.14 3.00 0.16
CA ILE A 108 25.50 1.99 -0.68
C ILE A 108 24.23 2.62 -1.27
N ALA A 109 24.06 2.52 -2.56
CA ALA A 109 22.83 3.01 -3.18
C ALA A 109 21.68 2.06 -2.86
N VAL A 110 20.54 2.61 -2.47
CA VAL A 110 19.36 1.81 -2.27
C VAL A 110 18.63 1.78 -3.60
N GLY A 111 18.91 0.74 -4.38
CA GLY A 111 18.38 0.62 -5.73
C GLY A 111 19.14 1.49 -6.74
N ARG A 112 18.53 1.68 -7.90
CA ARG A 112 19.13 2.48 -8.95
C ARG A 112 18.02 3.33 -9.57
N LEU A 113 18.41 4.37 -10.27
CA LEU A 113 17.52 5.14 -11.15
C LEU A 113 18.18 5.13 -12.51
N ASP A 114 17.38 5.24 -13.57
CA ASP A 114 17.91 5.42 -14.91
C ASP A 114 18.67 6.72 -15.01
N VAL A 115 19.64 6.78 -15.90
CA VAL A 115 20.46 7.98 -15.98
C VAL A 115 19.62 9.23 -16.24
N ASN A 116 18.59 9.09 -17.06
CA ASN A 116 17.80 10.24 -17.51
C ASN A 116 16.62 10.53 -16.60
N THR A 117 16.53 9.80 -15.48
CA THR A 117 15.44 9.99 -14.54
C THR A 117 15.92 10.68 -13.28
N OCS A 118 15.17 11.64 -12.79
N OCS A 118 15.16 11.71 -12.87
CA OCS A 118 15.62 12.28 -11.58
CA OCS A 118 15.43 12.50 -11.67
CB OCS A 118 15.75 13.78 -11.79
CB OCS A 118 14.96 13.98 -11.84
SG OCS A 118 14.24 14.48 -12.42
SG OCS A 118 15.86 15.14 -12.95
C OCS A 118 14.69 11.96 -10.44
C OCS A 118 14.69 11.91 -10.45
O OCS A 118 13.57 11.48 -10.63
O OCS A 118 13.70 11.18 -10.59
OD1 OCS A 118 13.78 13.70 -13.54
OD1 OCS A 118 17.18 15.41 -12.48
OD2 OCS A 118 14.41 15.82 -12.82
OD2 OCS A 118 15.13 16.35 -13.04
OD3 OCS A 118 13.31 14.43 -11.35
OD3 OCS A 118 15.92 14.56 -14.24
H OCS A 118 14.44 11.93 -13.12
H OCS A 118 14.46 11.96 -13.30
HA OCS A 118 16.51 11.93 -11.35
HA OCS A 118 16.39 12.50 -11.47
HB2 OCS A 118 16.46 13.95 -12.44
HB2 OCS A 118 14.96 14.39 -10.96
HB3 OCS A 118 15.97 14.21 -10.96
HB3 OCS A 118 14.05 13.95 -12.17
HD2 OCS A 118 13.54 16.12 -13.14
HD2 OCS A 118 15.06 16.71 -12.14
N GLY A 119 15.16 12.20 -9.25
CA GLY A 119 14.38 11.94 -8.05
C GLY A 119 15.16 11.30 -6.92
N LEU A 120 14.42 10.90 -5.89
CA LEU A 120 15.02 10.48 -4.63
C LEU A 120 15.78 9.18 -4.79
N LEU A 121 17.01 9.21 -4.33
CA LEU A 121 17.82 8.00 -4.19
C LEU A 121 18.38 8.04 -2.79
N LEU A 122 18.08 7.02 -2.00
CA LEU A 122 18.65 6.90 -0.68
C LEU A 122 20.02 6.22 -0.79
N PHE A 123 20.95 6.61 0.08
CA PHE A 123 22.19 5.89 0.28
C PHE A 123 22.32 5.52 1.76
N THR A 124 22.94 4.39 2.07
CA THR A 124 23.15 4.07 3.46
C THR A 124 24.48 3.35 3.60
N THR A 125 25.07 3.45 4.80
CA THR A 125 26.28 2.67 5.12
C THR A 125 25.98 1.24 5.52
N ASP A 126 24.71 0.93 5.70
CA ASP A 126 24.27 -0.34 6.27
C ASP A 126 23.65 -1.23 5.19
N GLY A 127 24.38 -2.27 4.78
CA GLY A 127 23.96 -3.06 3.64
C GLY A 127 22.77 -3.97 3.93
N GLU A 128 22.54 -4.27 5.19
CA GLU A 128 21.34 -5.00 5.54
C GLU A 128 20.10 -4.13 5.34
N LEU A 129 20.17 -2.88 5.80
CA LEU A 129 19.10 -1.95 5.54
C LEU A 129 18.89 -1.79 4.02
N ALA A 130 19.99 -1.67 3.29
CA ALA A 130 19.87 -1.46 1.84
C ALA A 130 19.14 -2.62 1.16
N ASN A 131 19.52 -3.85 1.50
CA ASN A 131 18.89 -4.98 0.84
C ASN A 131 17.43 -5.11 1.26
N ARG A 132 17.17 -4.88 2.54
CA ARG A 132 15.78 -4.99 2.98
C ARG A 132 14.89 -3.99 2.30
N LEU A 133 15.42 -2.80 2.03
CA LEU A 133 14.63 -1.79 1.35
C LEU A 133 14.41 -2.14 -0.14
N MET A 134 15.43 -2.69 -0.78
CA MET A 134 15.40 -3.00 -2.21
C MET A 134 14.62 -4.24 -2.57
N HIS A 135 14.78 -5.27 -1.77
CA HIS A 135 14.27 -6.57 -2.18
C HIS A 135 12.74 -6.63 -2.07
N PRO A 136 12.08 -7.06 -3.13
CA PRO A 136 10.61 -6.93 -3.09
C PRO A 136 9.88 -7.80 -2.10
N SER A 137 10.55 -8.74 -1.43
CA SER A 137 9.90 -9.53 -0.39
C SER A 137 9.28 -8.64 0.69
N ARG A 138 9.88 -7.49 0.99
CA ARG A 138 9.33 -6.63 2.02
C ARG A 138 8.42 -5.56 1.47
N GLU A 139 8.26 -5.55 0.16
CA GLU A 139 7.24 -4.74 -0.53
C GLU A 139 7.31 -3.25 -0.16
N VAL A 140 8.51 -2.69 -0.07
CA VAL A 140 8.68 -1.28 0.26
C VAL A 140 8.18 -0.43 -0.89
N GLU A 141 7.44 0.62 -0.56
CA GLU A 141 6.88 1.47 -1.60
C GLU A 141 7.89 2.40 -2.25
N ARG A 142 7.83 2.46 -3.58
CA ARG A 142 8.49 3.51 -4.36
C ARG A 142 7.39 4.33 -4.99
N GLU A 143 7.43 5.64 -4.79
CA GLU A 143 6.40 6.53 -5.32
C GLU A 143 7.02 7.43 -6.41
N TYR A 144 6.36 7.48 -7.55
CA TYR A 144 6.74 8.36 -8.63
C TYR A 144 5.64 9.36 -8.97
N ALA A 145 6.05 10.58 -9.27
CA ALA A 145 5.22 11.54 -10.00
C ALA A 145 5.47 11.31 -11.48
N VAL A 146 4.40 11.11 -12.23
CA VAL A 146 4.50 10.77 -13.65
C VAL A 146 3.64 11.71 -14.43
N ARG A 147 4.23 12.37 -15.42
CA ARG A 147 3.46 13.14 -16.37
C ARG A 147 3.29 12.30 -17.64
N VAL A 148 2.05 12.14 -18.06
CA VAL A 148 1.77 11.24 -19.17
C VAL A 148 1.01 11.97 -20.27
N PHE A 149 1.08 11.45 -21.48
CA PHE A 149 0.12 11.84 -22.52
C PHE A 149 -0.58 10.63 -23.13
N GLY A 150 -1.91 10.72 -23.19
CA GLY A 150 -2.71 9.61 -23.67
C GLY A 150 -4.03 9.55 -22.95
N GLN A 151 -4.98 8.88 -23.58
CA GLN A 151 -6.30 8.70 -23.00
C GLN A 151 -6.16 7.86 -21.74
N VAL A 152 -6.77 8.35 -20.66
CA VAL A 152 -6.82 7.61 -19.41
C VAL A 152 -8.23 7.73 -18.87
N ASP A 153 -8.82 6.61 -18.49
CA ASP A 153 -10.10 6.62 -17.81
C ASP A 153 -10.00 5.62 -16.69
N ASP A 154 -11.05 5.54 -15.89
CA ASP A 154 -11.03 4.69 -14.72
C ASP A 154 -10.81 3.23 -15.11
N ALA A 155 -11.29 2.81 -16.27
CA ALA A 155 -11.07 1.44 -16.72
C ALA A 155 -9.58 1.19 -16.89
N LYS A 156 -8.86 2.18 -17.40
CA LYS A 156 -7.43 2.05 -17.57
C LYS A 156 -6.70 1.97 -16.23
N LEU A 157 -7.11 2.82 -15.29
CA LEU A 157 -6.56 2.79 -13.96
C LEU A 157 -6.87 1.45 -13.30
N ARG A 158 -8.08 0.93 -13.53
CA ARG A 158 -8.43 -0.39 -13.04
C ARG A 158 -7.48 -1.43 -13.63
N ASP A 159 -7.24 -1.39 -14.93
CA ASP A 159 -6.39 -2.39 -15.55
C ASP A 159 -4.98 -2.33 -14.96
N LEU A 160 -4.47 -1.13 -14.75
CA LEU A 160 -3.11 -0.97 -14.21
C LEU A 160 -3.00 -1.46 -12.77
N SER A 161 -4.10 -1.43 -12.04
CA SER A 161 -4.13 -1.86 -10.65
CA SER A 161 -4.12 -1.85 -10.65
C SER A 161 -4.28 -3.37 -10.49
N ARG A 162 -4.89 -4.02 -11.47
CA ARG A 162 -5.21 -5.44 -11.34
CA ARG A 162 -5.23 -5.44 -11.34
C ARG A 162 -4.20 -6.37 -11.98
N GLY A 163 -3.34 -5.81 -12.82
CA GLY A 163 -2.28 -6.56 -13.46
C GLY A 163 -2.34 -6.57 -14.96
N VAL A 164 -1.29 -6.05 -15.60
CA VAL A 164 -1.14 -6.13 -17.04
C VAL A 164 0.11 -6.90 -17.42
N GLN A 165 0.12 -7.42 -18.63
CA GLN A 165 1.25 -8.19 -19.09
C GLN A 165 2.30 -7.29 -19.68
N LEU A 166 3.49 -7.29 -19.07
CA LEU A 166 4.66 -6.65 -19.66
C LEU A 166 5.48 -7.71 -20.36
N GLU A 167 6.48 -7.24 -21.09
CA GLU A 167 7.34 -8.10 -21.85
C GLU A 167 8.02 -9.10 -20.92
N ASP A 168 8.32 -8.66 -19.70
CA ASP A 168 8.99 -9.51 -18.71
C ASP A 168 8.05 -10.10 -17.67
N GLY A 169 6.76 -10.09 -17.95
CA GLY A 169 5.79 -10.73 -17.09
C GLY A 169 4.74 -9.78 -16.57
N PRO A 170 3.78 -10.31 -15.79
CA PRO A 170 2.75 -9.44 -15.21
C PRO A 170 3.33 -8.38 -14.29
N ALA A 171 2.63 -7.25 -14.21
CA ALA A 171 2.96 -6.15 -13.31
C ALA A 171 1.72 -5.34 -13.02
N ALA A 172 1.76 -4.60 -11.92
CA ALA A 172 0.64 -3.76 -11.48
C ALA A 172 1.16 -2.61 -10.65
N PHE A 173 0.53 -1.45 -10.77
CA PHE A 173 0.76 -0.38 -9.80
C PHE A 173 0.01 -0.71 -8.53
N LYS A 174 0.61 -0.43 -7.38
CA LYS A 174 -0.02 -0.65 -6.08
C LYS A 174 -1.05 0.41 -5.76
N THR A 175 -0.71 1.64 -6.07
CA THR A 175 -1.67 2.76 -6.01
C THR A 175 -1.49 3.70 -7.20
N ILE A 176 -2.57 4.38 -7.59
CA ILE A 176 -2.50 5.38 -8.65
C ILE A 176 -3.44 6.49 -8.27
N LYS A 177 -2.93 7.72 -8.22
CA LYS A 177 -3.74 8.87 -7.81
C LYS A 177 -3.53 10.00 -8.80
N PHE A 178 -4.62 10.56 -9.33
CA PHE A 178 -4.52 11.73 -10.19
C PHE A 178 -4.04 12.91 -9.35
N SER A 179 -3.03 13.64 -9.84
CA SER A 179 -2.44 14.72 -9.06
C SER A 179 -2.53 16.09 -9.76
N GLY A 180 -3.05 16.11 -10.98
CA GLY A 180 -3.32 17.39 -11.62
C GLY A 180 -3.10 17.39 -13.11
N GLY A 181 -3.76 18.32 -13.80
CA GLY A 181 -3.56 18.49 -15.22
C GLY A 181 -2.45 19.48 -15.49
N GLU A 182 -1.89 19.43 -16.70
CA GLU A 182 -1.06 20.52 -17.22
C GLU A 182 -0.97 20.41 -18.75
N GLY A 183 -1.50 21.40 -19.45
CA GLY A 183 -1.51 21.40 -20.91
C GLY A 183 -2.27 20.21 -21.48
N ILE A 184 -1.64 19.53 -22.46
CA ILE A 184 -2.15 18.26 -22.96
C ILE A 184 -1.49 17.14 -22.17
N ASN A 185 -1.47 17.29 -20.85
CA ASN A 185 -0.82 16.29 -20.03
C ASN A 185 -1.52 16.19 -18.68
N GLN A 186 -1.37 15.03 -18.05
CA GLN A 186 -1.87 14.82 -16.70
C GLN A 186 -0.74 14.28 -15.85
N TRP A 187 -0.74 14.66 -14.57
CA TRP A 187 0.16 14.07 -13.60
C TRP A 187 -0.57 13.03 -12.76
N TYR A 188 0.11 11.92 -12.52
CA TYR A 188 -0.37 10.90 -11.59
C TYR A 188 0.76 10.56 -10.64
N ASN A 189 0.42 10.29 -9.38
CA ASN A 189 1.36 9.67 -8.46
C ASN A 189 1.06 8.19 -8.43
N VAL A 190 2.08 7.38 -8.60
CA VAL A 190 1.92 5.94 -8.63
C VAL A 190 2.90 5.32 -7.66
N THR A 191 2.56 4.14 -7.14
CA THR A 191 3.52 3.37 -6.36
C THR A 191 3.73 1.97 -6.89
N LEU A 192 4.94 1.46 -6.66
CA LEU A 192 5.28 0.07 -6.95
C LEU A 192 5.95 -0.46 -5.70
N THR A 193 5.91 -1.78 -5.54
CA THR A 193 6.63 -2.44 -4.46
C THR A 193 7.71 -3.38 -4.97
N GLU A 194 8.18 -3.11 -6.18
CA GLU A 194 9.32 -3.78 -6.76
C GLU A 194 9.96 -2.76 -7.69
N GLY A 195 11.03 -3.17 -8.36
CA GLY A 195 11.78 -2.25 -9.18
C GLY A 195 12.38 -2.85 -10.43
N ARG A 196 11.54 -3.37 -11.31
CA ARG A 196 12.03 -3.84 -12.59
C ARG A 196 12.42 -2.67 -13.49
N ASN A 197 13.32 -2.94 -14.42
CA ASN A 197 13.83 -1.92 -15.33
C ASN A 197 12.73 -1.14 -16.05
N ARG A 198 12.76 0.20 -15.94
CA ARG A 198 11.83 1.10 -16.62
C ARG A 198 10.38 0.73 -16.37
N GLU A 199 10.11 0.14 -15.21
CA GLU A 199 8.79 -0.47 -14.99
C GLU A 199 7.64 0.54 -15.08
N VAL A 200 7.85 1.77 -14.60
CA VAL A 200 6.77 2.76 -14.60
C VAL A 200 6.40 3.12 -16.02
N ARG A 201 7.40 3.37 -16.85
CA ARG A 201 7.15 3.70 -18.24
C ARG A 201 6.49 2.52 -18.97
N ARG A 202 7.00 1.32 -18.74
CA ARG A 202 6.47 0.16 -19.45
C ARG A 202 5.02 -0.19 -19.02
N LEU A 203 4.66 0.01 -17.75
CA LEU A 203 3.27 -0.17 -17.32
C LEU A 203 2.35 0.78 -18.09
N TRP A 204 2.67 2.07 -18.10
CA TRP A 204 1.85 3.01 -18.83
C TRP A 204 1.80 2.66 -20.33
N GLU A 205 2.93 2.28 -20.90
CA GLU A 205 2.98 1.96 -22.32
C GLU A 205 2.05 0.79 -22.65
N ALA A 206 1.98 -0.17 -21.72
CA ALA A 206 1.20 -1.38 -21.89
C ALA A 206 -0.28 -1.05 -22.05
N VAL A 207 -0.70 0.09 -21.49
CA VAL A 207 -2.09 0.54 -21.66
C VAL A 207 -2.19 1.75 -22.61
N GLY A 208 -1.18 1.92 -23.46
CA GLY A 208 -1.27 2.88 -24.54
C GLY A 208 -1.09 4.31 -24.11
N VAL A 209 -0.34 4.54 -23.04
CA VAL A 209 -0.08 5.88 -22.53
C VAL A 209 1.43 6.13 -22.50
N GLN A 210 1.84 7.30 -23.01
CA GLN A 210 3.25 7.68 -23.02
C GLN A 210 3.61 8.55 -21.83
N VAL A 211 4.83 8.38 -21.36
CA VAL A 211 5.36 9.12 -20.22
C VAL A 211 6.32 10.18 -20.72
N SER A 212 6.04 11.46 -20.42
CA SER A 212 6.94 12.55 -20.79
C SER A 212 7.87 12.99 -19.66
N ARG A 213 7.46 12.79 -18.40
CA ARG A 213 8.29 13.13 -17.27
C ARG A 213 8.06 12.13 -16.15
N LEU A 214 9.12 11.80 -15.43
CA LEU A 214 9.08 10.79 -14.37
C LEU A 214 10.06 11.15 -13.24
N ILE A 215 9.53 11.33 -12.04
CA ILE A 215 10.33 11.75 -10.88
C ILE A 215 10.03 10.84 -9.69
N ARG A 216 11.06 10.21 -9.11
CA ARG A 216 10.82 9.44 -7.91
C ARG A 216 10.73 10.40 -6.72
N VAL A 217 9.62 10.34 -5.99
CA VAL A 217 9.36 11.34 -4.93
C VAL A 217 9.34 10.75 -3.52
N ARG A 218 9.40 9.42 -3.40
CA ARG A 218 9.40 8.80 -2.08
C ARG A 218 9.94 7.39 -2.18
N TYR A 219 10.70 6.96 -1.18
CA TYR A 219 11.14 5.58 -1.10
C TYR A 219 10.87 5.17 0.33
N GLY A 220 10.05 4.14 0.51
CA GLY A 220 9.61 3.79 1.85
C GLY A 220 8.92 4.97 2.49
N ASP A 221 9.32 5.27 3.71
CA ASP A 221 8.69 6.34 4.47
C ASP A 221 9.49 7.65 4.41
N ILE A 222 10.39 7.76 3.44
CA ILE A 222 11.18 8.97 3.24
C ILE A 222 10.81 9.67 1.94
N PRO A 223 10.13 10.82 2.05
CA PRO A 223 9.87 11.65 0.87
C PRO A 223 11.08 12.45 0.44
N LEU A 224 11.10 12.84 -0.82
CA LEU A 224 12.10 13.78 -1.30
C LEU A 224 11.99 15.03 -0.43
N PRO A 225 13.07 15.38 0.29
CA PRO A 225 13.02 16.49 1.25
C PRO A 225 12.71 17.81 0.57
N LYS A 226 11.78 18.54 1.16
CA LYS A 226 11.43 19.87 0.69
C LYS A 226 12.65 20.77 0.70
N GLY A 227 12.90 21.44 -0.41
CA GLY A 227 14.01 22.39 -0.49
C GLY A 227 15.36 21.79 -0.85
N LEU A 228 15.45 20.47 -0.93
CA LEU A 228 16.69 19.82 -1.34
C LEU A 228 16.93 20.13 -2.81
N PRO A 229 18.04 20.80 -3.15
CA PRO A 229 18.26 21.09 -4.58
C PRO A 229 18.45 19.83 -5.43
N ARG A 230 18.06 19.91 -6.69
CA ARG A 230 18.36 18.87 -7.68
C ARG A 230 19.87 18.64 -7.65
N GLY A 231 20.29 17.39 -7.53
CA GLY A 231 21.70 17.09 -7.46
C GLY A 231 22.34 17.23 -6.09
N GLY A 232 21.53 17.51 -5.08
CA GLY A 232 21.97 17.73 -3.73
C GLY A 232 21.64 16.57 -2.81
N TRP A 233 22.44 16.44 -1.77
CA TRP A 233 22.20 15.42 -0.75
C TRP A 233 21.98 16.08 0.62
N THR A 234 21.33 15.35 1.51
CA THR A 234 21.20 15.75 2.90
C THR A 234 21.17 14.49 3.73
N GLU A 235 21.73 14.56 4.93
CA GLU A 235 21.82 13.41 5.81
C GLU A 235 20.60 13.35 6.72
N LEU A 236 19.96 12.17 6.78
CA LEU A 236 18.81 11.98 7.66
C LEU A 236 19.25 11.94 9.11
N ASP A 237 18.44 12.49 9.99
CA ASP A 237 18.76 12.48 11.40
C ASP A 237 18.43 11.12 12.01
N LEU A 238 18.75 10.95 13.29
CA LEU A 238 18.55 9.65 13.94
C LEU A 238 17.09 9.18 13.89
N ALA A 239 16.16 10.06 14.18
CA ALA A 239 14.75 9.66 14.20
C ALA A 239 14.33 9.13 12.83
N GLN A 240 14.75 9.82 11.78
CA GLN A 240 14.34 9.40 10.45
C GLN A 240 15.00 8.09 10.05
N THR A 241 16.29 7.98 10.37
CA THR A 241 17.01 6.73 10.13
C THR A 241 16.35 5.56 10.84
N ASN A 242 15.94 5.78 12.08
CA ASN A 242 15.28 4.73 12.84
C ASN A 242 13.91 4.38 12.29
N TYR A 243 13.18 5.35 11.77
CA TYR A 243 11.88 5.07 11.15
C TYR A 243 12.07 4.19 9.93
N LEU A 244 13.13 4.44 9.20
CA LEU A 244 13.40 3.69 7.98
C LEU A 244 13.81 2.26 8.37
N ARG A 245 14.64 2.15 9.39
CA ARG A 245 15.01 0.83 9.91
C ARG A 245 13.79 0.04 10.39
N GLU A 246 12.91 0.71 11.10
CA GLU A 246 11.75 0.05 11.66
C GLU A 246 10.81 -0.44 10.57
N LEU A 247 10.78 0.26 9.44
CA LEU A 247 9.95 -0.14 8.31
C LEU A 247 10.29 -1.56 7.85
N VAL A 248 11.57 -1.91 7.92
CA VAL A 248 12.06 -3.20 7.47
C VAL A 248 12.49 -4.09 8.65
N GLU A 249 11.93 -3.79 9.83
CA GLU A 249 12.06 -4.64 11.01
C GLU A 249 13.48 -4.74 11.57
N LEU A 250 14.29 -3.71 11.33
CA LEU A 250 15.58 -3.60 12.01
C LEU A 250 15.46 -2.79 13.31
N PRO A 251 16.21 -3.17 14.33
CA PRO A 251 16.11 -2.47 15.62
C PRO A 251 16.65 -1.05 15.54
N PRO A 252 16.20 -0.15 16.41
CA PRO A 252 16.63 1.24 16.34
C PRO A 252 18.07 1.46 16.75
N GLU A 253 18.72 2.47 16.17
CA GLU A 253 20.00 2.94 16.67
C GLU A 253 19.81 3.93 17.83
N THR A 254 20.78 3.96 18.72
CA THR A 254 20.75 4.88 19.85
C THR A 254 21.69 6.05 19.54
N SER A 255 22.47 5.88 18.48
CA SER A 255 23.49 6.86 18.09
C SER A 255 23.46 7.07 16.57
N1 FHU B 19 11.00 3.41 -12.37
C2 FHU B 19 11.17 3.86 -13.62
N3 FHU B 19 12.32 4.47 -13.92
C4 FHU B 19 13.40 4.42 -13.14
C5 FHU B 19 13.33 3.54 -11.93
C6 FHU B 19 11.96 3.71 -11.30
O2 FHU B 19 10.35 3.60 -14.50
O4 FHU B 19 14.41 5.04 -13.41
C1' FHU B 19 13.58 2.09 -12.39
C2' FHU B 19 14.97 1.88 -13.00
O2' FHU B 19 14.85 1.53 -14.37
C3' FHU B 19 15.58 0.73 -12.17
C4' FHU B 19 14.59 0.42 -11.06
O3' FHU B 19 15.90 -0.44 -12.92
O4' FHU B 19 13.39 1.19 -11.32
C5' FHU B 19 15.10 0.69 -9.68
O5' FHU B 19 14.20 0.29 -8.68
P FHU B 19 14.72 0.26 -7.17
OP1 FHU B 19 15.34 1.58 -6.84
OP2 FHU B 19 13.58 -0.29 -6.39
F5 FHU B 19 14.33 3.86 -11.10
HN1 FHU B 19 10.18 2.85 -12.14
HN3 FHU B 19 12.42 4.96 -14.80
H6 FHU B 19 11.85 2.96 -10.51
H1' FHU B 19 12.84 1.86 -13.17
H2' FHU B 19 15.58 2.79 -12.88
HO2' FHU B 19 15.74 1.34 -14.73
H3' FHU B 19 16.49 1.10 -11.70
H4' FHU B 19 14.35 -0.66 -11.12
H5' FHU B 19 16.05 0.19 -9.54
H5'' FHU B 19 15.28 1.77 -9.58
N MET C 5 -28.92 22.79 -5.55
CA MET C 5 -28.60 21.84 -4.45
C MET C 5 -29.73 20.84 -4.27
N SER C 6 -30.30 20.37 -5.39
CA SER C 6 -31.35 19.37 -5.33
C SER C 6 -30.73 17.98 -5.28
N GLU C 7 -31.50 17.02 -4.78
CA GLU C 7 -31.08 15.62 -4.77
C GLU C 7 -32.26 14.77 -5.21
N LYS C 8 -31.98 13.62 -5.80
CA LYS C 8 -33.07 12.70 -6.13
C LYS C 8 -33.92 12.42 -4.90
N LEU C 9 -35.23 12.48 -5.10
CA LEU C 9 -36.19 12.27 -4.03
C LEU C 9 -35.92 10.97 -3.26
N GLN C 10 -35.61 9.90 -3.98
CA GLN C 10 -35.35 8.62 -3.33
C GLN C 10 -34.10 8.65 -2.46
N LYS C 11 -33.11 9.45 -2.81
CA LYS C 11 -31.92 9.60 -1.98
C LYS C 11 -32.29 10.25 -0.66
N VAL C 12 -33.15 11.26 -0.75
CA VAL C 12 -33.52 12.03 0.43
C VAL C 12 -34.33 11.16 1.39
N LEU C 13 -35.30 10.45 0.84
CA LEU C 13 -36.18 9.63 1.66
C LEU C 13 -35.45 8.45 2.27
N ALA C 14 -34.51 7.87 1.52
CA ALA C 14 -33.73 6.76 2.05
C ALA C 14 -32.85 7.26 3.18
N ARG C 15 -32.30 8.45 3.01
CA ARG C 15 -31.43 9.03 4.02
C ARG C 15 -32.20 9.31 5.28
N ALA C 16 -33.47 9.67 5.12
CA ALA C 16 -34.34 9.98 6.24
C ALA C 16 -34.90 8.74 6.91
N GLY C 17 -34.60 7.56 6.37
CA GLY C 17 -34.92 6.32 7.05
C GLY C 17 -36.16 5.58 6.60
N HIS C 18 -36.64 5.84 5.39
CA HIS C 18 -37.90 5.24 4.95
C HIS C 18 -37.76 4.18 3.86
N GLY C 19 -36.63 3.49 3.85
CA GLY C 19 -36.44 2.40 2.91
C GLY C 19 -35.20 2.60 2.07
N SER C 20 -34.93 1.66 1.18
CA SER C 20 -33.76 1.78 0.32
C SER C 20 -34.14 2.67 -0.83
N ARG C 21 -33.15 3.15 -1.57
CA ARG C 21 -33.38 4.03 -2.70
C ARG C 21 -34.27 3.34 -3.71
N ARG C 22 -34.02 2.06 -3.93
CA ARG C 22 -34.72 1.29 -4.95
C ARG C 22 -36.15 0.96 -4.50
N GLU C 23 -36.31 0.71 -3.20
CA GLU C 23 -37.65 0.49 -2.65
C GLU C 23 -38.49 1.75 -2.83
N ILE C 24 -37.90 2.89 -2.54
CA ILE C 24 -38.62 4.16 -2.56
C ILE C 24 -38.96 4.52 -3.99
N GLU C 25 -38.13 4.09 -4.94
CA GLU C 25 -38.43 4.34 -6.34
C GLU C 25 -39.67 3.59 -6.77
N SER C 26 -39.87 2.36 -6.31
CA SER C 26 -41.11 1.65 -6.65
C SER C 26 -42.36 2.40 -6.15
N ILE C 27 -42.23 3.08 -5.02
CA ILE C 27 -43.33 3.80 -4.39
C ILE C 27 -43.61 5.12 -5.13
N ILE C 28 -42.54 5.82 -5.48
CA ILE C 28 -42.65 7.04 -6.28
C ILE C 28 -43.31 6.72 -7.61
N GLU C 29 -42.94 5.59 -8.22
CA GLU C 29 -43.46 5.24 -9.52
C GLU C 29 -44.95 4.96 -9.48
N ALA C 30 -45.42 4.56 -8.30
CA ALA C 30 -46.85 4.28 -8.12
C ALA C 30 -47.66 5.52 -7.75
N GLY C 31 -46.99 6.68 -7.69
CA GLY C 31 -47.67 7.93 -7.40
C GLY C 31 -48.09 8.06 -5.94
N ARG C 32 -47.35 7.38 -5.06
CA ARG C 32 -47.67 7.37 -3.64
C ARG C 32 -46.94 8.48 -2.88
N VAL C 33 -46.07 9.22 -3.55
CA VAL C 33 -45.31 10.27 -2.89
C VAL C 33 -45.65 11.62 -3.49
N SER C 34 -45.95 12.59 -2.64
CA SER C 34 -46.18 13.95 -3.10
C SER C 34 -45.15 14.89 -2.50
N VAL C 35 -44.74 15.86 -3.30
CA VAL C 35 -43.85 16.91 -2.82
C VAL C 35 -44.60 18.22 -2.95
N ASP C 36 -44.71 18.94 -1.84
CA ASP C 36 -45.39 20.23 -1.82
C ASP C 36 -46.74 20.18 -2.53
N GLY C 37 -47.47 19.09 -2.30
CA GLY C 37 -48.84 18.99 -2.81
C GLY C 37 -48.97 18.26 -4.13
N LYS C 38 -47.87 18.16 -4.87
CA LYS C 38 -47.91 17.55 -6.20
C LYS C 38 -47.37 16.14 -6.17
N ILE C 39 -48.04 15.22 -6.85
CA ILE C 39 -47.54 13.87 -7.00
C ILE C 39 -46.20 13.89 -7.74
N ALA C 40 -45.17 13.35 -7.10
CA ALA C 40 -43.84 13.30 -7.70
C ALA C 40 -43.72 12.18 -8.73
N LYS C 41 -42.76 12.33 -9.64
CA LYS C 41 -42.52 11.35 -10.68
C LYS C 41 -41.13 10.78 -10.52
N LEU C 42 -40.93 9.54 -10.96
CA LEU C 42 -39.62 8.90 -10.90
C LEU C 42 -38.57 9.80 -11.54
N GLY C 43 -37.49 10.06 -10.83
CA GLY C 43 -36.45 10.94 -11.33
C GLY C 43 -36.57 12.37 -10.81
N ASP C 44 -37.66 12.68 -10.13
CA ASP C 44 -37.82 14.01 -9.54
C ASP C 44 -36.75 14.29 -8.48
N ARG C 45 -36.35 15.56 -8.39
CA ARG C 45 -35.37 16.01 -7.42
C ARG C 45 -35.95 17.07 -6.49
N VAL C 46 -35.36 17.24 -5.32
CA VAL C 46 -35.87 18.16 -4.32
C VAL C 46 -34.74 18.75 -3.49
N GLU C 47 -34.99 19.89 -2.87
CA GLU C 47 -34.06 20.47 -1.92
C GLU C 47 -34.64 20.38 -0.52
N VAL C 48 -33.85 19.89 0.42
CA VAL C 48 -34.31 19.69 1.79
C VAL C 48 -34.30 21.00 2.56
N THR C 49 -35.49 21.45 2.94
CA THR C 49 -35.67 22.67 3.72
C THR C 49 -36.91 22.52 4.60
N PRO C 50 -37.01 23.35 5.65
CA PRO C 50 -38.18 23.45 6.52
C PRO C 50 -39.51 23.52 5.77
N GLY C 51 -39.50 24.07 4.56
CA GLY C 51 -40.73 24.26 3.81
C GLY C 51 -41.13 23.06 2.98
N LEU C 52 -40.21 22.12 2.82
CA LEU C 52 -40.45 20.94 2.02
C LEU C 52 -41.43 20.02 2.70
N LYS C 53 -42.53 19.73 2.02
CA LYS C 53 -43.56 18.83 2.56
C LYS C 53 -43.63 17.58 1.70
N ILE C 54 -43.06 16.50 2.21
CA ILE C 54 -43.14 15.24 1.51
C ILE C 54 -44.17 14.37 2.21
N ARG C 55 -45.04 13.77 1.43
CA ARG C 55 -46.01 12.85 1.97
C ARG C 55 -45.90 11.54 1.25
N ILE C 56 -46.04 10.45 1.98
CA ILE C 56 -46.18 9.15 1.36
C ILE C 56 -47.54 8.64 1.80
N ASP C 57 -48.37 8.31 0.82
CA ASP C 57 -49.72 7.87 1.08
C ASP C 57 -50.45 8.90 1.93
N GLY C 58 -50.16 10.18 1.69
CA GLY C 58 -50.87 11.26 2.34
C GLY C 58 -50.31 11.63 3.70
N HIS C 59 -49.41 10.81 4.22
CA HIS C 59 -48.84 11.04 5.54
C HIS C 59 -47.54 11.84 5.43
N LEU C 60 -47.47 12.94 6.17
CA LEU C 60 -46.29 13.80 6.14
C LEU C 60 -45.07 13.06 6.68
N ILE C 61 -43.92 13.36 6.11
CA ILE C 61 -42.69 12.71 6.54
C ILE C 61 -41.64 13.73 6.94
N SER C 62 -41.24 13.63 8.21
CA SER C 62 -40.15 14.44 8.73
C SER C 62 -38.82 14.04 8.11
N VAL C 63 -38.08 15.03 7.63
CA VAL C 63 -36.78 14.79 7.03
C VAL C 63 -35.76 15.81 7.55
N ARG C 64 -34.52 15.35 7.72
CA ARG C 64 -33.48 16.15 8.38
C ARG C 64 -32.77 17.11 7.42
N GLU C 65 -32.72 18.38 7.80
CA GLU C 65 -32.26 19.47 6.92
C GLU C 65 -30.74 19.59 6.80
N SER C 66 -30.30 20.32 5.77
CA SER C 66 -28.92 20.79 5.68
C SER C 66 -28.82 22.15 6.37
N ILE C 70 -25.79 13.73 10.54
CA ILE C 70 -24.50 13.90 11.19
C ILE C 70 -23.60 12.69 10.88
N CYS C 71 -22.44 12.95 10.28
CA CYS C 71 -21.58 11.85 9.80
C CYS C 71 -21.04 11.01 10.95
N ARG C 72 -21.77 9.94 11.25
CA ARG C 72 -21.36 9.00 12.29
C ARG C 72 -20.90 7.69 11.67
N VAL C 73 -20.00 6.99 12.37
CA VAL C 73 -19.41 5.75 11.87
C VAL C 73 -19.29 4.72 12.98
N LEU C 74 -19.83 3.53 12.73
CA LEU C 74 -19.63 2.40 13.65
C LEU C 74 -18.55 1.46 13.16
N ALA C 75 -17.81 0.88 14.10
CA ALA C 75 -16.94 -0.26 13.84
C ALA C 75 -17.59 -1.52 14.43
N TYR C 76 -17.90 -2.48 13.56
CA TYR C 76 -18.60 -3.70 13.97
C TYR C 76 -17.76 -4.96 13.80
N TYR C 77 -17.76 -5.81 14.83
CA TYR C 77 -17.08 -7.08 14.74
C TYR C 77 -18.05 -8.18 14.31
N LYS C 78 -18.18 -8.38 13.01
CA LYS C 78 -19.11 -9.36 12.47
C LYS C 78 -18.67 -10.77 12.76
N PRO C 79 -19.58 -11.57 13.30
CA PRO C 79 -19.31 -13.00 13.49
C PRO C 79 -19.64 -13.79 12.24
N GLU C 80 -19.06 -14.98 12.10
CA GLU C 80 -19.53 -15.90 11.08
C GLU C 80 -21.01 -16.14 11.31
N GLY C 81 -21.72 -16.53 10.25
CA GLY C 81 -23.11 -16.88 10.37
C GLY C 81 -24.08 -15.74 10.17
N GLU C 82 -23.60 -14.49 10.20
CA GLU C 82 -24.47 -13.34 9.94
C GLU C 82 -24.39 -12.88 8.50
N LEU C 83 -25.55 -12.56 7.93
CA LEU C 83 -25.63 -12.04 6.57
C LEU C 83 -25.51 -10.53 6.49
N CYS C 84 -24.84 -10.04 5.46
CA CYS C 84 -24.85 -8.61 5.18
CA CYS C 84 -24.84 -8.62 5.18
C CYS C 84 -25.95 -8.29 4.18
N THR C 85 -27.14 -8.01 4.71
CA THR C 85 -28.31 -7.64 3.92
C THR C 85 -29.36 -7.04 4.85
N ARG C 86 -30.14 -6.11 4.33
CA ARG C 86 -31.27 -5.55 5.10
C ARG C 86 -32.46 -6.50 5.12
N ASN C 87 -32.47 -7.45 4.19
CA ASN C 87 -33.56 -8.40 4.10
C ASN C 87 -33.11 -9.70 3.46
N ASP C 88 -33.04 -10.76 4.27
CA ASP C 88 -32.70 -12.09 3.78
C ASP C 88 -33.98 -12.86 3.48
N PRO C 89 -34.10 -13.39 2.26
CA PRO C 89 -35.27 -14.20 1.93
C PRO C 89 -35.39 -15.47 2.79
N GLU C 90 -34.26 -15.95 3.31
CA GLU C 90 -34.22 -17.23 4.01
C GLU C 90 -34.49 -17.11 5.51
N GLY C 91 -34.55 -15.89 6.02
CA GLY C 91 -34.77 -15.68 7.44
C GLY C 91 -33.57 -16.06 8.30
N ARG C 92 -32.39 -15.59 7.88
CA ARG C 92 -31.18 -15.79 8.66
C ARG C 92 -30.81 -14.48 9.38
N PRO C 93 -29.96 -14.58 10.42
CA PRO C 93 -29.49 -13.39 11.13
C PRO C 93 -28.76 -12.45 10.16
N THR C 94 -29.04 -11.15 10.25
CA THR C 94 -28.30 -10.17 9.46
C THR C 94 -27.47 -9.30 10.39
N VAL C 95 -26.58 -8.50 9.80
CA VAL C 95 -25.65 -7.68 10.57
C VAL C 95 -26.32 -6.42 11.13
N PHE C 96 -27.52 -6.13 10.63
CA PHE C 96 -28.24 -4.93 11.03
C PHE C 96 -29.07 -5.19 12.28
N ASP C 97 -29.41 -6.46 12.49
CA ASP C 97 -30.33 -6.85 13.56
C ASP C 97 -30.05 -6.10 14.86
N ARG C 98 -28.78 -5.94 15.18
CA ARG C 98 -28.38 -5.27 16.40
C ARG C 98 -27.52 -4.06 16.09
N LEU C 99 -28.16 -2.91 15.93
CA LEU C 99 -27.42 -1.66 15.83
C LEU C 99 -28.21 -0.55 16.53
N PRO C 100 -27.51 0.50 16.97
CA PRO C 100 -28.15 1.68 17.57
C PRO C 100 -29.29 2.22 16.71
N LYS C 101 -30.33 2.76 17.34
CA LYS C 101 -31.39 3.39 16.59
C LYS C 101 -31.14 4.90 16.47
N LEU C 102 -31.47 5.45 15.31
CA LEU C 102 -31.17 6.84 14.99
C LEU C 102 -32.44 7.64 14.73
N ARG C 103 -32.32 8.96 14.81
CA ARG C 103 -33.43 9.84 14.49
C ARG C 103 -33.36 10.23 13.03
N GLY C 104 -34.38 9.82 12.27
CA GLY C 104 -34.49 10.16 10.86
C GLY C 104 -33.22 9.88 10.07
N ALA C 105 -32.66 8.68 10.25
CA ALA C 105 -31.45 8.27 9.54
C ALA C 105 -31.34 6.74 9.49
N ARG C 106 -30.27 6.21 8.95
CA ARG C 106 -30.11 4.75 8.95
C ARG C 106 -28.65 4.33 8.78
N TRP C 107 -28.35 3.10 9.15
CA TRP C 107 -26.99 2.57 9.03
C TRP C 107 -26.81 1.96 7.64
N ILE C 108 -25.72 2.37 6.97
CA ILE C 108 -25.38 1.83 5.66
C ILE C 108 -24.14 0.98 5.89
N ALA C 109 -24.19 -0.28 5.49
CA ALA C 109 -23.01 -1.16 5.53
C ALA C 109 -22.00 -0.71 4.48
N VAL C 110 -20.74 -0.58 4.92
CA VAL C 110 -19.65 -0.32 4.00
C VAL C 110 -19.21 -1.66 3.40
N GLY C 111 -19.81 -2.01 2.27
CA GLY C 111 -19.55 -3.28 1.63
C GLY C 111 -20.22 -4.45 2.30
N ARG C 112 -19.80 -5.65 1.91
CA ARG C 112 -20.37 -6.90 2.41
C ARG C 112 -19.27 -7.87 2.76
N LEU C 113 -19.42 -8.57 3.88
CA LEU C 113 -18.57 -9.70 4.22
C LEU C 113 -19.36 -10.98 3.98
N ASP C 114 -18.68 -12.06 3.62
CA ASP C 114 -19.35 -13.36 3.47
C ASP C 114 -19.87 -13.85 4.82
N VAL C 115 -20.85 -14.77 4.77
CA VAL C 115 -21.46 -15.32 5.97
C VAL C 115 -20.45 -15.91 6.96
N ASN C 116 -19.55 -16.75 6.45
CA ASN C 116 -18.56 -17.39 7.31
C ASN C 116 -17.20 -16.70 7.25
N THR C 117 -17.22 -15.42 6.92
CA THR C 117 -16.05 -14.58 7.10
C THR C 117 -16.26 -13.68 8.33
N OCS C 118 -15.17 -13.47 9.05
N OCS C 118 -15.19 -13.56 9.12
CA OCS C 118 -15.21 -12.87 10.37
CA OCS C 118 -15.16 -12.82 10.38
CB OCS C 118 -14.49 -13.84 11.31
CB OCS C 118 -14.17 -13.46 11.36
SG OCS C 118 -14.32 -13.38 13.03
SG OCS C 118 -14.51 -15.17 11.79
C OCS C 118 -14.51 -11.50 10.33
C OCS C 118 -14.65 -11.41 10.20
O OCS C 118 -13.61 -11.32 9.52
O OCS C 118 -14.01 -11.11 9.20
OD1 OCS C 118 -15.51 -12.73 13.46
OD1 OCS C 118 -14.55 -15.96 10.62
OD2 OCS C 118 -13.20 -12.52 13.16
OD2 OCS C 118 -15.77 -15.20 12.45
OD3 OCS C 118 -14.11 -14.54 13.83
OD3 OCS C 118 -13.50 -15.64 12.67
H OCS C 118 -14.37 -13.68 8.80
H OCS C 118 -14.43 -13.91 8.93
HA OCS C 118 -16.13 -12.75 10.68
HA OCS C 118 -16.05 -12.80 10.78
HB2 OCS C 118 -13.59 -13.99 10.97
HB2 OCS C 118 -14.18 -12.95 12.18
HB3 OCS C 118 -14.97 -14.69 11.30
HB3 OCS C 118 -13.29 -13.44 10.97
HD2 OCS C 118 -13.38 -11.73 12.60
HD2 OCS C 118 -16.42 -14.86 11.83
N GLY C 119 -14.91 -10.56 11.18
CA GLY C 119 -14.15 -9.31 11.29
C GLY C 119 -14.83 -7.98 11.06
N LEU C 120 -14.03 -6.98 10.69
CA LEU C 120 -14.46 -5.59 10.74
C LEU C 120 -15.43 -5.26 9.61
N LEU C 121 -16.60 -4.78 9.99
CA LEU C 121 -17.50 -4.16 9.03
C LEU C 121 -17.81 -2.76 9.55
N LEU C 122 -17.60 -1.74 8.69
CA LEU C 122 -17.96 -0.39 9.06
C LEU C 122 -19.40 -0.11 8.69
N PHE C 123 -20.07 0.68 9.52
CA PHE C 123 -21.39 1.23 9.17
C PHE C 123 -21.31 2.75 9.24
N THR C 124 -22.07 3.45 8.40
CA THR C 124 -22.12 4.90 8.50
C THR C 124 -23.50 5.40 8.12
N THR C 125 -23.86 6.53 8.70
CA THR C 125 -25.08 7.21 8.32
C THR C 125 -24.84 8.04 7.07
N ASP C 126 -23.57 8.21 6.69
CA ASP C 126 -23.21 9.08 5.59
C ASP C 126 -23.00 8.23 4.34
N GLY C 127 -23.93 8.30 3.41
CA GLY C 127 -23.90 7.43 2.25
C GLY C 127 -22.82 7.78 1.24
N GLU C 128 -22.34 9.02 1.28
CA GLU C 128 -21.27 9.45 0.39
C GLU C 128 -19.99 8.85 0.93
N LEU C 129 -19.81 8.89 2.25
CA LEU C 129 -18.64 8.27 2.85
C LEU C 129 -18.66 6.77 2.56
N ALA C 130 -19.83 6.15 2.70
CA ALA C 130 -19.96 4.72 2.45
C ALA C 130 -19.54 4.34 1.03
N ASN C 131 -20.10 5.04 0.04
CA ASN C 131 -19.71 4.75 -1.33
C ASN C 131 -18.23 5.05 -1.61
N ARG C 132 -17.72 6.14 -1.07
CA ARG C 132 -16.29 6.43 -1.27
C ARG C 132 -15.40 5.31 -0.69
N LEU C 133 -15.77 4.78 0.46
CA LEU C 133 -15.01 3.70 1.07
C LEU C 133 -15.07 2.41 0.24
N MET C 134 -16.23 2.09 -0.32
CA MET C 134 -16.41 0.90 -1.13
C MET C 134 -15.82 1.01 -2.53
N HIS C 135 -15.97 2.15 -3.17
CA HIS C 135 -15.67 2.20 -4.59
C HIS C 135 -14.16 2.14 -4.82
N PRO C 136 -13.71 1.20 -5.66
CA PRO C 136 -12.26 1.03 -5.84
C PRO C 136 -11.51 2.25 -6.38
N SER C 137 -12.18 3.18 -7.02
CA SER C 137 -11.53 4.41 -7.47
C SER C 137 -10.75 5.08 -6.34
N ARG C 138 -11.21 4.90 -5.10
CA ARG C 138 -10.60 5.52 -3.92
C ARG C 138 -9.48 4.65 -3.31
N GLU C 139 -9.32 3.41 -3.81
CA GLU C 139 -8.26 2.49 -3.43
C GLU C 139 -8.09 2.35 -1.92
N VAL C 140 -9.21 2.26 -1.20
CA VAL C 140 -9.15 2.04 0.22
C VAL C 140 -8.73 0.61 0.53
N GLU C 141 -7.77 0.47 1.43
CA GLU C 141 -7.26 -0.85 1.77
C GLU C 141 -8.23 -1.66 2.62
N ARG C 142 -8.39 -2.92 2.24
CA ARG C 142 -9.04 -3.93 3.07
C ARG C 142 -7.93 -4.88 3.49
N GLU C 143 -7.69 -5.03 4.79
CA GLU C 143 -6.66 -5.96 5.27
C GLU C 143 -7.32 -7.22 5.85
N TYR C 144 -6.81 -8.37 5.42
CA TYR C 144 -7.30 -9.66 5.89
C TYR C 144 -6.17 -10.46 6.50
N ALA C 145 -6.46 -11.10 7.63
CA ALA C 145 -5.65 -12.21 8.12
C ALA C 145 -6.26 -13.49 7.57
N VAL C 146 -5.46 -14.23 6.83
CA VAL C 146 -5.91 -15.40 6.11
C VAL C 146 -5.09 -16.59 6.57
N ARG C 147 -5.75 -17.60 7.09
CA ARG C 147 -5.06 -18.84 7.36
C ARG C 147 -5.24 -19.71 6.13
N VAL C 148 -4.13 -20.11 5.54
CA VAL C 148 -4.15 -20.84 4.28
C VAL C 148 -3.75 -22.27 4.51
N PHE C 149 -4.06 -23.12 3.54
CA PHE C 149 -3.77 -24.53 3.62
C PHE C 149 -3.21 -24.98 2.28
N GLY C 150 -1.96 -25.43 2.29
CA GLY C 150 -1.31 -25.86 1.06
C GLY C 150 0.14 -25.43 1.01
N GLN C 151 0.79 -25.70 -0.13
CA GLN C 151 2.20 -25.38 -0.26
C GLN C 151 2.38 -23.96 -0.80
N VAL C 152 3.11 -23.14 -0.06
CA VAL C 152 3.35 -21.76 -0.46
C VAL C 152 4.84 -21.51 -0.48
N ASP C 153 5.29 -20.83 -1.52
CA ASP C 153 6.69 -20.46 -1.63
C ASP C 153 6.74 -19.03 -2.16
N ASP C 154 7.95 -18.47 -2.23
CA ASP C 154 8.07 -17.06 -2.57
C ASP C 154 7.66 -16.76 -3.99
N ALA C 155 7.88 -17.69 -4.90
CA ALA C 155 7.44 -17.52 -6.28
C ALA C 155 5.95 -17.26 -6.37
N LYS C 156 5.17 -18.00 -5.60
CA LYS C 156 3.72 -17.80 -5.60
C LYS C 156 3.38 -16.44 -5.03
N LEU C 157 4.13 -15.96 -4.05
CA LEU C 157 3.84 -14.68 -3.46
C LEU C 157 4.11 -13.58 -4.48
N ARG C 158 5.19 -13.75 -5.25
CA ARG C 158 5.52 -12.83 -6.33
C ARG C 158 4.40 -12.84 -7.35
N ASP C 159 3.94 -14.03 -7.73
CA ASP C 159 2.85 -14.16 -8.68
C ASP C 159 1.63 -13.38 -8.23
N LEU C 160 1.25 -13.57 -6.97
CA LEU C 160 0.04 -12.93 -6.43
C LEU C 160 0.16 -11.42 -6.36
N SER C 161 1.38 -10.92 -6.22
CA SER C 161 1.62 -9.49 -6.10
CA SER C 161 1.61 -9.48 -6.10
C SER C 161 1.62 -8.80 -7.47
N ARG C 162 1.99 -9.53 -8.51
CA ARG C 162 2.19 -8.96 -9.84
CA ARG C 162 2.17 -8.92 -9.82
C ARG C 162 0.97 -9.11 -10.73
N GLY C 163 0.08 -10.03 -10.37
CA GLY C 163 -1.16 -10.20 -11.11
C GLY C 163 -1.36 -11.59 -11.68
N VAL C 164 -2.47 -12.23 -11.32
CA VAL C 164 -2.83 -13.53 -11.86
C VAL C 164 -4.19 -13.41 -12.50
N GLN C 165 -4.56 -14.45 -13.24
CA GLN C 165 -5.85 -14.47 -13.94
C GLN C 165 -6.90 -15.21 -13.15
N LEU C 166 -7.94 -14.48 -12.76
CA LEU C 166 -9.12 -15.11 -12.18
C LEU C 166 -10.22 -15.29 -13.23
N GLU C 167 -11.26 -16.04 -12.89
CA GLU C 167 -12.34 -16.28 -13.82
C GLU C 167 -12.97 -14.96 -14.28
N ASP C 168 -12.96 -13.96 -13.41
CA ASP C 168 -13.54 -12.65 -13.72
C ASP C 168 -12.48 -11.58 -14.02
N GLY C 169 -11.30 -12.02 -14.44
CA GLY C 169 -10.26 -11.10 -14.88
C GLY C 169 -9.02 -11.06 -14.00
N PRO C 170 -8.03 -10.26 -14.40
CA PRO C 170 -6.82 -10.10 -13.59
C PRO C 170 -7.11 -9.65 -12.17
N ALA C 171 -6.28 -10.09 -11.23
CA ALA C 171 -6.35 -9.61 -9.86
C ALA C 171 -4.95 -9.73 -9.24
N ALA C 172 -4.68 -8.92 -8.21
CA ALA C 172 -3.42 -8.99 -7.49
C ALA C 172 -3.66 -8.57 -6.06
N PHE C 173 -2.94 -9.18 -5.12
CA PHE C 173 -2.89 -8.60 -3.78
C PHE C 173 -2.01 -7.34 -3.82
N LYS C 174 -2.45 -6.29 -3.12
CA LYS C 174 -1.66 -5.07 -2.98
C LYS C 174 -0.45 -5.31 -2.09
N THR C 175 -0.67 -5.98 -0.96
CA THR C 175 0.41 -6.44 -0.10
C THR C 175 0.14 -7.87 0.34
N ILE C 176 1.23 -8.59 0.63
CA ILE C 176 1.15 -9.93 1.15
C ILE C 176 2.31 -10.14 2.11
N LYS C 177 1.99 -10.51 3.34
CA LYS C 177 3.00 -10.68 4.38
C LYS C 177 2.79 -12.00 5.09
N PHE C 178 3.84 -12.79 5.20
CA PHE C 178 3.78 -14.01 6.00
C PHE C 178 3.59 -13.65 7.48
N SER C 179 2.64 -14.29 8.14
CA SER C 179 2.28 -13.89 9.51
C SER C 179 2.43 -14.98 10.57
N GLY C 180 2.91 -16.14 10.17
CA GLY C 180 3.17 -17.21 11.12
C GLY C 180 2.78 -18.55 10.53
N GLY C 181 3.41 -19.60 11.01
CA GLY C 181 3.39 -20.86 10.29
C GLY C 181 2.80 -22.05 11.01
N GLU C 182 2.87 -23.17 10.29
CA GLU C 182 2.61 -24.51 10.79
C GLU C 182 3.33 -25.35 9.74
N GLY C 183 2.81 -26.53 9.41
CA GLY C 183 3.29 -27.21 8.22
C GLY C 183 2.57 -26.67 7.01
N ILE C 184 1.48 -27.34 6.67
CA ILE C 184 0.64 -27.02 5.52
C ILE C 184 -0.20 -25.78 5.81
N ASN C 185 -0.26 -25.41 7.08
CA ASN C 185 -1.02 -24.25 7.50
C ASN C 185 -0.07 -23.08 7.74
N GLN C 186 -0.49 -21.90 7.29
CA GLN C 186 0.29 -20.68 7.45
C GLN C 186 -0.66 -19.49 7.47
N TRP C 187 -0.38 -18.51 8.32
CA TRP C 187 -1.13 -17.25 8.24
C TRP C 187 -0.42 -16.23 7.36
N TYR C 188 -1.22 -15.47 6.62
CA TYR C 188 -0.72 -14.36 5.81
C TYR C 188 -1.63 -13.17 6.07
N ASN C 189 -1.05 -11.97 6.13
CA ASN C 189 -1.87 -10.77 6.10
C ASN C 189 -1.79 -10.18 4.70
N VAL C 190 -2.93 -9.90 4.11
CA VAL C 190 -2.99 -9.45 2.72
C VAL C 190 -3.89 -8.26 2.64
N THR C 191 -3.66 -7.44 1.63
CA THR C 191 -4.58 -6.34 1.37
C THR C 191 -5.07 -6.36 -0.07
N LEU C 192 -6.27 -5.83 -0.24
CA LEU C 192 -6.85 -5.55 -1.54
C LEU C 192 -7.37 -4.13 -1.51
N THR C 193 -7.46 -3.51 -2.68
CA THR C 193 -8.07 -2.17 -2.82
C THR C 193 -9.32 -2.22 -3.66
N GLU C 194 -9.90 -3.41 -3.73
CA GLU C 194 -11.20 -3.61 -4.39
C GLU C 194 -11.88 -4.73 -3.61
N GLY C 195 -13.09 -5.10 -3.99
CA GLY C 195 -13.78 -6.15 -3.27
C GLY C 195 -14.67 -7.00 -4.14
N ARG C 196 -14.07 -7.71 -5.09
CA ARG C 196 -14.80 -8.67 -5.90
C ARG C 196 -15.22 -9.86 -5.05
N ASN C 197 -16.31 -10.47 -5.47
CA ASN C 197 -16.88 -11.60 -4.76
C ASN C 197 -15.83 -12.67 -4.46
N ARG C 198 -15.68 -13.02 -3.19
CA ARG C 198 -14.82 -14.13 -2.77
C ARG C 198 -13.39 -13.96 -3.26
N GLU C 199 -12.93 -12.72 -3.41
CA GLU C 199 -11.67 -12.49 -4.09
C GLU C 199 -10.44 -13.10 -3.40
N VAL C 200 -10.35 -12.94 -2.08
CA VAL C 200 -9.19 -13.47 -1.36
C VAL C 200 -9.05 -14.97 -1.57
N ARG C 201 -10.15 -15.70 -1.41
CA ARG C 201 -10.13 -17.13 -1.65
C ARG C 201 -9.74 -17.48 -3.09
N ARG C 202 -10.25 -16.74 -4.07
CA ARG C 202 -10.01 -17.11 -5.46
C ARG C 202 -8.58 -16.82 -5.90
N LEU C 203 -8.00 -15.80 -5.26
CA LEU C 203 -6.59 -15.48 -5.50
C LEU C 203 -5.72 -16.62 -5.03
N TRP C 204 -5.88 -17.03 -3.78
CA TRP C 204 -5.08 -18.13 -3.28
C TRP C 204 -5.36 -19.39 -4.09
N GLU C 205 -6.61 -19.61 -4.48
CA GLU C 205 -6.93 -20.82 -5.23
C GLU C 205 -6.23 -20.79 -6.61
N ALA C 206 -6.03 -19.59 -7.15
CA ALA C 206 -5.34 -19.45 -8.45
C ALA C 206 -3.88 -19.89 -8.40
N VAL C 207 -3.30 -19.98 -7.20
CA VAL C 207 -1.95 -20.53 -7.07
C VAL C 207 -1.96 -21.83 -6.26
N GLY C 208 -3.10 -22.48 -6.23
CA GLY C 208 -3.20 -23.83 -5.72
C GLY C 208 -3.23 -23.94 -4.20
N VAL C 209 -3.84 -22.95 -3.56
CA VAL C 209 -3.86 -22.88 -2.11
C VAL C 209 -5.28 -22.68 -1.58
N GLN C 210 -5.69 -23.45 -0.59
CA GLN C 210 -6.99 -23.24 0.04
C GLN C 210 -6.92 -22.28 1.23
N VAL C 211 -8.10 -21.81 1.64
CA VAL C 211 -8.22 -20.92 2.80
C VAL C 211 -9.06 -21.61 3.88
N SER C 212 -8.55 -21.67 5.11
CA SER C 212 -9.29 -22.28 6.20
C SER C 212 -9.93 -21.24 7.13
N ARG C 213 -9.35 -20.04 7.17
CA ARG C 213 -9.91 -18.97 7.99
C ARG C 213 -9.69 -17.61 7.33
N LEU C 214 -10.67 -16.73 7.44
CA LEU C 214 -10.56 -15.40 6.89
C LEU C 214 -11.14 -14.39 7.87
N ILE C 215 -10.31 -13.43 8.27
CA ILE C 215 -10.71 -12.37 9.17
C ILE C 215 -10.36 -11.01 8.56
N ARG C 216 -11.33 -10.12 8.39
CA ARG C 216 -11.00 -8.75 8.04
C ARG C 216 -10.59 -8.00 9.32
N VAL C 217 -9.38 -7.46 9.32
CA VAL C 217 -8.80 -6.88 10.52
C VAL C 217 -8.63 -5.36 10.40
N ARG C 218 -8.82 -4.82 9.19
CA ARG C 218 -8.68 -3.38 8.99
C ARG C 218 -9.46 -2.97 7.75
N TYR C 219 -10.08 -1.80 7.82
CA TYR C 219 -10.70 -1.18 6.64
C TYR C 219 -10.24 0.27 6.66
N GLY C 220 -9.56 0.67 5.60
CA GLY C 220 -8.96 2.00 5.61
C GLY C 220 -8.06 2.15 6.82
N ASP C 221 -8.24 3.24 7.57
CA ASP C 221 -7.38 3.51 8.72
C ASP C 221 -8.06 3.13 10.02
N ILE C 222 -9.01 2.22 9.94
CA ILE C 222 -9.71 1.76 11.14
C ILE C 222 -9.46 0.28 11.30
N PRO C 223 -8.60 -0.10 12.26
CA PRO C 223 -8.40 -1.52 12.50
C PRO C 223 -9.54 -2.06 13.34
N LEU C 224 -9.74 -3.37 13.29
CA LEU C 224 -10.70 -4.02 14.17
C LEU C 224 -10.36 -3.64 15.62
N PRO C 225 -11.27 -2.94 16.31
CA PRO C 225 -11.03 -2.45 17.68
C PRO C 225 -10.49 -3.51 18.64
N LYS C 226 -9.41 -3.15 19.34
CA LYS C 226 -8.70 -4.08 20.20
C LYS C 226 -9.58 -4.69 21.29
N GLY C 227 -10.21 -3.84 22.09
CA GLY C 227 -11.03 -4.30 23.19
C GLY C 227 -12.25 -5.09 22.72
N LEU C 228 -12.79 -4.67 21.58
CA LEU C 228 -14.05 -5.20 21.06
C LEU C 228 -14.07 -6.72 20.94
N PRO C 229 -15.18 -7.35 21.37
CA PRO C 229 -15.39 -8.77 21.12
C PRO C 229 -16.31 -9.02 19.94
N ARG C 230 -16.28 -10.25 19.43
CA ARG C 230 -17.08 -10.67 18.29
C ARG C 230 -18.57 -10.50 18.53
N GLY C 231 -19.21 -9.71 17.65
CA GLY C 231 -20.64 -9.45 17.73
C GLY C 231 -20.96 -8.02 18.14
N GLY C 232 -19.97 -7.33 18.71
CA GLY C 232 -20.20 -6.00 19.26
C GLY C 232 -19.76 -4.89 18.32
N TRP C 233 -19.98 -3.65 18.75
CA TRP C 233 -19.60 -2.50 17.94
CA TRP C 233 -19.63 -2.49 17.94
C TRP C 233 -19.09 -1.36 18.81
N THR C 234 -18.61 -0.30 18.17
CA THR C 234 -18.14 0.88 18.87
C THR C 234 -18.26 2.06 17.91
N GLU C 235 -18.40 3.26 18.43
CA GLU C 235 -18.57 4.43 17.57
C GLU C 235 -17.34 5.33 17.56
N LEU C 236 -16.85 5.64 16.37
CA LEU C 236 -15.72 6.55 16.21
C LEU C 236 -16.08 7.93 16.74
N ASP C 237 -15.07 8.67 17.20
CA ASP C 237 -15.26 10.06 17.60
C ASP C 237 -14.95 11.00 16.42
N LEU C 238 -15.08 12.32 16.65
CA LEU C 238 -14.94 13.32 15.59
C LEU C 238 -13.58 13.25 14.87
N ALA C 239 -12.50 13.18 15.63
CA ALA C 239 -11.16 13.13 15.06
C ALA C 239 -11.02 11.92 14.15
N GLN C 240 -11.56 10.80 14.61
CA GLN C 240 -11.43 9.53 13.93
C GLN C 240 -12.29 9.48 12.67
N THR C 241 -13.54 9.93 12.80
CA THR C 241 -14.42 10.03 11.64
C THR C 241 -13.78 10.97 10.60
N ASN C 242 -13.16 12.05 11.07
CA ASN C 242 -12.54 13.01 10.15
C ASN C 242 -11.32 12.44 9.42
N TYR C 243 -10.52 11.62 10.10
CA TYR C 243 -9.38 10.98 9.46
C TYR C 243 -9.87 9.95 8.44
N LEU C 244 -10.96 9.26 8.74
CA LEU C 244 -11.56 8.34 7.79
C LEU C 244 -12.05 9.12 6.54
N ARG C 245 -12.73 10.25 6.77
CA ARG C 245 -13.16 11.11 5.67
C ARG C 245 -11.98 11.56 4.78
N GLU C 246 -10.91 12.02 5.42
CA GLU C 246 -9.75 12.56 4.70
C GLU C 246 -9.16 11.51 3.75
N LEU C 247 -9.24 10.26 4.17
CA LEU C 247 -8.70 9.15 3.40
C LEU C 247 -9.33 9.10 2.01
N VAL C 248 -10.59 9.53 1.91
CA VAL C 248 -11.32 9.50 0.64
C VAL C 248 -11.58 10.92 0.10
N GLU C 249 -10.75 11.86 0.52
CA GLU C 249 -10.75 13.23 0.02
C GLU C 249 -12.04 14.00 0.36
N LEU C 250 -12.63 13.65 1.50
CA LEU C 250 -13.74 14.39 2.07
C LEU C 250 -13.22 15.29 3.19
N PRO C 251 -13.44 16.61 3.09
CA PRO C 251 -12.97 17.57 4.10
C PRO C 251 -13.54 17.29 5.49
N PRO C 252 -12.80 17.70 6.53
CA PRO C 252 -13.22 17.45 7.92
C PRO C 252 -14.54 18.11 8.24
N GLU C 253 -15.25 17.59 9.24
CA GLU C 253 -16.49 18.20 9.69
C GLU C 253 -16.29 18.79 11.09
N THR C 254 -17.25 19.58 11.55
CA THR C 254 -17.19 20.17 12.88
C THR C 254 -18.19 19.51 13.82
N1 FHU D 19 -12.92 -11.09 0.25
C2 FHU D 19 -13.17 -12.38 0.45
N3 FHU D 19 -14.18 -12.75 1.27
C4 FHU D 19 -15.06 -11.87 1.75
C5 FHU D 19 -14.97 -10.47 1.21
C6 FHU D 19 -13.53 -10.15 1.16
O2 FHU D 19 -12.46 -13.19 -0.10
O4 FHU D 19 -15.87 -12.13 2.64
C1' FHU D 19 -15.42 -10.39 -0.23
C2' FHU D 19 -16.90 -10.71 -0.29
O2' FHU D 19 -17.09 -11.82 -1.16
C3' FHU D 19 -17.54 -9.44 -0.87
C4' FHU D 19 -16.45 -8.38 -0.89
O3' FHU D 19 -18.12 -9.65 -2.13
O4' FHU D 19 -15.21 -9.08 -0.71
C5' FHU D 19 -16.58 -7.23 0.09
O5' FHU D 19 -15.63 -6.21 -0.15
P FHU D 19 -15.90 -4.73 0.34
OP1 FHU D 19 -16.24 -4.72 1.81
OP2 FHU D 19 -14.79 -3.89 -0.23
F5 FHU D 19 -15.68 -9.63 1.96
O6 FHU D 19 -13.04 -10.43 2.46
HN1 FHU D 19 -12.24 -10.77 -0.42
HN3 FHU D 19 -14.27 -13.72 1.51
H6 FHU D 19 -13.35 -9.11 0.85
H1' FHU D 19 -14.87 -11.11 -0.83
H2' FHU D 19 -17.29 -10.92 0.72
HO2' FHU D 19 -18.05 -11.98 -1.26
H3' FHU D 19 -18.33 -9.11 -0.16
H4' FHU D 19 -16.46 -7.94 -1.90
H5' FHU D 19 -16.45 -7.61 1.11
H5'' FHU D 19 -17.58 -6.81 0.01
HO6 FHU D 19 -12.09 -10.24 2.49
#